data_2GNP
#
_entry.id   2GNP
#
_cell.length_a   107.044
_cell.length_b   34.451
_cell.length_c   71.627
_cell.angle_alpha   90.00
_cell.angle_beta   101.53
_cell.angle_gamma   90.00
#
_symmetry.space_group_name_H-M   'C 1 2 1'
#
loop_
_entity.id
_entity.type
_entity.pdbx_description
1 polymer 'transcriptional regulator'
2 non-polymer DI(HYDROXYETHYL)ETHER
3 water water
#
_entity_poly.entity_id   1
_entity_poly.type   'polypeptide(L)'
_entity_poly.pdbx_seq_one_letter_code
;SNANFDTN(MSE)FKLENYVKEKYSLESLEIIPNEFDDTPTILSERISQVAAGVLRNLIDDN(MSE)KIGFSWGKSLSNL
VDLIHSKSVRNVHFYPLAGGPSHIHAKYHVNTLIYE(MSE)SRKFHGECTF(MSE)NATIVQENKLLADGILQSRYFENL
KNSWKDLDIAVVGIGDFSNKGKHQWLD(MSE)LTEDDFKELTKVKTVGEICCRFFDSKGKEVYENLQERTIAISLEDLKN
IPQSLAVAYGDTKVSSILSVLRANLVNHLITDKNTILKVLEEDGDL
;
_entity_poly.pdbx_strand_id   A
#
# COMPACT_ATOMS: atom_id res chain seq x y z
N ASN A 4 2.26 -18.92 27.12
CA ASN A 4 2.61 -17.46 27.24
C ASN A 4 2.14 -16.66 26.02
N PHE A 5 1.43 -15.59 26.32
CA PHE A 5 0.77 -14.77 25.34
C PHE A 5 1.77 -14.23 24.29
N ASP A 6 2.85 -13.61 24.77
CA ASP A 6 3.78 -12.90 23.87
C ASP A 6 4.47 -13.93 22.96
N THR A 7 4.82 -15.06 23.57
CA THR A 7 5.39 -16.20 22.87
C THR A 7 4.48 -16.74 21.76
N ASN A 8 3.23 -17.06 22.13
CA ASN A 8 2.23 -17.49 21.17
C ASN A 8 2.06 -16.49 20.00
N PHE A 10 4.44 -14.61 18.80
CA PHE A 10 5.66 -14.81 18.00
C PHE A 10 5.49 -16.07 17.13
N LYS A 11 4.99 -17.17 17.74
CA LYS A 11 4.69 -18.41 17.03
C LYS A 11 3.74 -18.14 15.84
N LEU A 12 2.67 -17.37 16.09
CA LEU A 12 1.69 -17.08 15.05
C LEU A 12 2.36 -16.28 13.93
N GLU A 13 3.13 -15.25 14.31
CA GLU A 13 3.89 -14.45 13.32
C GLU A 13 4.75 -15.37 12.43
N ASN A 14 5.49 -16.29 13.06
CA ASN A 14 6.43 -17.15 12.30
C ASN A 14 5.68 -18.12 11.41
N TYR A 15 4.57 -18.62 11.92
CA TYR A 15 3.66 -19.47 11.18
C TYR A 15 3.17 -18.80 9.87
N VAL A 16 2.74 -17.54 9.98
CA VAL A 16 2.17 -16.83 8.85
C VAL A 16 3.34 -16.45 7.90
N LYS A 17 4.48 -16.02 8.45
CA LYS A 17 5.65 -15.72 7.59
C LYS A 17 6.07 -16.93 6.75
N GLU A 18 6.20 -18.10 7.38
CA GLU A 18 6.62 -19.29 6.64
C GLU A 18 5.51 -19.71 5.64
N LYS A 19 4.25 -19.53 6.04
CA LYS A 19 3.11 -19.97 5.19
C LYS A 19 3.12 -19.24 3.84
N TYR A 20 3.34 -17.94 3.89
CA TYR A 20 3.24 -17.09 2.69
C TYR A 20 4.57 -16.64 2.17
N SER A 21 5.65 -17.05 2.82
CA SER A 21 6.99 -16.66 2.44
C SER A 21 7.19 -15.14 2.49
N LEU A 22 6.66 -14.62 3.59
CA LEU A 22 6.62 -13.18 3.87
C LEU A 22 7.83 -12.91 4.76
N GLU A 23 8.67 -11.98 4.38
CA GLU A 23 9.90 -11.68 5.10
C GLU A 23 9.75 -11.11 6.53
N SER A 24 8.82 -10.18 6.70
CA SER A 24 8.62 -9.51 7.97
C SER A 24 7.16 -9.31 8.24
N LEU A 25 6.80 -9.37 9.51
CA LEU A 25 5.39 -9.30 9.95
C LEU A 25 5.23 -8.88 11.41
N GLU A 26 4.41 -7.86 11.65
CA GLU A 26 3.99 -7.52 13.02
C GLU A 26 2.50 -7.69 13.09
N ILE A 27 2.02 -8.46 14.08
CA ILE A 27 0.59 -8.64 14.30
C ILE A 27 0.26 -7.92 15.61
N ILE A 28 -0.53 -6.86 15.51
CA ILE A 28 -1.04 -6.15 16.70
C ILE A 28 -2.21 -6.88 17.32
N PRO A 29 -2.16 -7.13 18.65
CA PRO A 29 -3.26 -7.80 19.31
C PRO A 29 -4.48 -6.90 19.40
N ASN A 30 -5.68 -7.51 19.39
CA ASN A 30 -6.88 -6.74 19.59
C ASN A 30 -7.25 -6.92 21.07
N GLU A 31 -7.66 -5.82 21.73
CA GLU A 31 -7.97 -5.79 23.19
C GLU A 31 -9.49 -5.64 23.34
N PHE A 32 -10.08 -6.31 24.35
CA PHE A 32 -11.52 -6.22 24.54
C PHE A 32 -12.02 -4.77 24.67
N ASP A 33 -11.23 -3.93 25.34
CA ASP A 33 -11.61 -2.53 25.63
C ASP A 33 -11.34 -1.55 24.47
N ASP A 34 -10.84 -2.07 23.35
CA ASP A 34 -10.56 -1.24 22.15
C ASP A 34 -11.74 -0.48 21.64
N THR A 35 -11.47 0.74 21.19
CA THR A 35 -12.33 1.48 20.28
C THR A 35 -11.58 1.48 18.94
N PRO A 36 -12.27 1.84 17.83
CA PRO A 36 -11.54 2.00 16.56
C PRO A 36 -10.34 2.97 16.64
N THR A 37 -10.48 4.04 17.43
CA THR A 37 -9.44 5.03 17.60
C THR A 37 -8.21 4.44 18.30
N ILE A 38 -8.46 3.73 19.41
CA ILE A 38 -7.36 3.13 20.18
C ILE A 38 -6.61 2.06 19.30
N LEU A 39 -7.39 1.27 18.56
CA LEU A 39 -6.79 0.21 17.75
C LEU A 39 -5.94 0.87 16.67
N SER A 40 -6.50 1.88 15.98
CA SER A 40 -5.71 2.60 14.94
C SER A 40 -4.45 3.25 15.52
N GLU A 41 -4.53 3.82 16.73
CA GLU A 41 -3.32 4.34 17.37
C GLU A 41 -2.26 3.25 17.57
N ARG A 42 -2.68 2.08 18.02
CA ARG A 42 -1.75 1.03 18.40
C ARG A 42 -1.02 0.52 17.17
N ILE A 43 -1.78 0.34 16.08
CA ILE A 43 -1.24 -0.16 14.83
C ILE A 43 -0.32 0.92 14.26
N SER A 44 -0.79 2.15 14.27
CA SER A 44 -0.01 3.27 13.73
C SER A 44 1.30 3.49 14.43
N GLN A 45 1.33 3.32 15.77
CA GLN A 45 2.60 3.53 16.50
C GLN A 45 3.62 2.45 16.18
N VAL A 46 3.15 1.20 16.05
CA VAL A 46 4.03 0.09 15.74
C VAL A 46 4.62 0.39 14.36
N ALA A 47 3.74 0.81 13.46
CA ALA A 47 4.12 1.03 12.03
C ALA A 47 5.12 2.16 11.94
N ALA A 48 4.86 3.22 12.72
CA ALA A 48 5.75 4.36 12.75
C ALA A 48 7.14 3.98 13.23
N GLY A 49 7.21 3.21 14.32
CA GLY A 49 8.48 2.75 14.82
C GLY A 49 9.24 1.89 13.81
N VAL A 50 8.51 0.94 13.24
CA VAL A 50 9.08 0.06 12.22
C VAL A 50 9.66 0.89 11.07
N LEU A 51 8.89 1.85 10.55
CA LEU A 51 9.41 2.61 9.39
C LEU A 51 10.64 3.50 9.75
N ARG A 52 10.58 4.16 10.92
CA ARG A 52 11.67 5.01 11.32
C ARG A 52 13.00 4.21 11.35
N ASN A 53 12.92 2.98 11.88
CA ASN A 53 14.10 2.10 11.92
C ASN A 53 14.66 1.64 10.57
N LEU A 54 13.77 1.59 9.58
CA LEU A 54 14.11 1.22 8.21
C LEU A 54 14.81 2.34 7.50
N ILE A 55 14.47 3.59 7.85
CA ILE A 55 14.99 4.73 7.14
C ILE A 55 16.45 5.03 7.51
N ASP A 56 17.30 5.02 6.51
CA ASP A 56 18.70 5.33 6.67
C ASP A 56 19.15 6.33 5.63
N ASP A 57 20.34 6.88 5.81
CA ASP A 57 20.96 7.68 4.76
C ASP A 57 20.89 7.09 3.37
N ASN A 58 20.69 7.99 2.42
CA ASN A 58 20.81 7.74 0.98
C ASN A 58 19.60 6.98 0.38
N LYS A 60 15.95 5.77 -1.19
CA LYS A 60 14.88 6.22 -2.07
C LYS A 60 13.63 5.50 -1.58
N ILE A 61 12.61 6.30 -1.19
CA ILE A 61 11.46 5.74 -0.51
C ILE A 61 10.20 6.17 -1.27
N GLY A 62 9.39 5.19 -1.68
CA GLY A 62 8.07 5.46 -2.36
C GLY A 62 6.89 5.38 -1.40
N PHE A 63 5.90 6.28 -1.56
CA PHE A 63 4.68 6.19 -0.74
C PHE A 63 3.49 6.03 -1.66
N SER A 64 2.46 5.31 -1.19
CA SER A 64 1.12 5.40 -1.82
C SER A 64 0.29 6.42 -0.99
N TRP A 65 -1.01 6.14 -0.88
CA TRP A 65 -1.97 7.15 -0.47
C TRP A 65 -2.82 6.53 0.66
N GLY A 66 -3.57 7.36 1.37
CA GLY A 66 -4.55 6.83 2.32
C GLY A 66 -4.44 6.99 3.81
N LYS A 67 -5.52 6.58 4.48
CA LYS A 67 -5.64 6.77 5.95
C LYS A 67 -4.59 6.08 6.78
N SER A 68 -4.34 4.78 6.53
CA SER A 68 -3.33 4.05 7.28
C SER A 68 -1.97 4.76 7.23
N LEU A 69 -1.66 5.30 6.05
CA LEU A 69 -0.35 5.93 5.90
C LEU A 69 -0.35 7.27 6.63
N SER A 70 -1.43 8.03 6.46
CA SER A 70 -1.51 9.33 7.13
C SER A 70 -1.37 9.14 8.63
N ASN A 71 -2.05 8.12 9.14
CA ASN A 71 -2.01 7.85 10.59
C ASN A 71 -0.60 7.50 11.10
N LEU A 72 0.20 6.79 10.27
CA LEU A 72 1.52 6.48 10.75
C LEU A 72 2.41 7.70 10.62
N VAL A 73 2.27 8.44 9.51
CA VAL A 73 3.07 9.65 9.31
C VAL A 73 2.87 10.64 10.48
N ASP A 74 1.65 10.78 10.94
CA ASP A 74 1.37 11.70 12.07
C ASP A 74 2.23 11.33 13.30
N LEU A 75 2.43 10.02 13.52
CA LEU A 75 3.15 9.58 14.73
C LEU A 75 4.64 9.43 14.65
N ILE A 76 5.18 9.28 13.43
CA ILE A 76 6.56 8.93 13.32
C ILE A 76 7.47 10.05 13.84
N HIS A 77 8.57 9.66 14.51
CA HIS A 77 9.54 10.62 15.05
C HIS A 77 10.56 11.00 14.03
N SER A 78 10.93 12.28 13.99
CA SER A 78 12.01 12.74 13.09
C SER A 78 13.34 12.00 13.33
N LYS A 79 14.21 12.00 12.34
CA LYS A 79 15.56 11.40 12.44
C LYS A 79 16.51 12.11 11.51
N SER A 80 17.75 12.37 11.96
CA SER A 80 18.69 13.10 11.10
C SER A 80 19.39 12.23 10.07
N VAL A 81 18.78 12.03 8.91
CA VAL A 81 19.41 11.24 7.85
C VAL A 81 19.77 12.17 6.69
N ARG A 82 20.77 11.79 5.90
CA ARG A 82 21.29 12.57 4.79
C ARG A 82 20.81 11.91 3.52
N ASN A 83 20.48 12.73 2.51
CA ASN A 83 20.39 12.30 1.13
C ASN A 83 19.25 11.27 0.90
N VAL A 84 18.16 11.44 1.67
CA VAL A 84 16.96 10.59 1.52
C VAL A 84 16.05 11.28 0.50
N HIS A 85 15.38 10.46 -0.33
CA HIS A 85 14.54 11.03 -1.40
C HIS A 85 13.18 10.32 -1.32
N PHE A 86 12.08 11.07 -1.40
CA PHE A 86 10.71 10.50 -1.33
C PHE A 86 10.06 10.68 -2.70
N TYR A 87 9.32 9.64 -3.13
CA TYR A 87 8.70 9.56 -4.46
C TYR A 87 7.25 9.07 -4.26
N PRO A 88 6.35 9.42 -5.20
CA PRO A 88 5.00 8.84 -5.22
C PRO A 88 5.02 7.52 -5.97
N LEU A 89 4.33 6.52 -5.44
CA LEU A 89 4.16 5.24 -6.12
C LEU A 89 2.92 5.31 -7.06
N ALA A 90 2.00 6.17 -6.71
CA ALA A 90 0.72 6.27 -7.38
C ALA A 90 -0.01 7.46 -6.75
N GLY A 91 -0.80 8.15 -7.58
CA GLY A 91 -1.65 9.22 -7.08
C GLY A 91 -2.88 8.48 -6.53
N GLY A 92 -3.60 9.09 -5.63
CA GLY A 92 -4.78 8.38 -5.20
C GLY A 92 -5.91 8.79 -6.09
N PRO A 93 -7.13 8.40 -5.73
CA PRO A 93 -8.27 8.96 -6.44
C PRO A 93 -8.59 10.40 -5.99
N SER A 94 -9.63 10.97 -6.59
CA SER A 94 -9.87 12.41 -6.61
C SER A 94 -10.40 13.10 -5.33
N HIS A 95 -11.27 12.43 -4.57
CA HIS A 95 -11.96 13.12 -3.46
C HIS A 95 -11.62 12.61 -2.05
N ILE A 96 -10.40 12.14 -1.88
CA ILE A 96 -9.96 11.72 -0.54
C ILE A 96 -9.48 12.95 0.26
N HIS A 97 -9.37 12.78 1.58
CA HIS A 97 -8.89 13.83 2.46
C HIS A 97 -7.52 14.33 2.01
N ALA A 98 -7.36 15.67 1.95
CA ALA A 98 -6.04 16.26 1.60
C ALA A 98 -4.96 15.61 2.45
N LYS A 99 -5.31 15.28 3.70
CA LYS A 99 -4.36 14.66 4.65
C LYS A 99 -3.80 13.32 4.18
N TYR A 100 -4.59 12.66 3.34
CA TYR A 100 -4.35 11.30 2.86
C TYR A 100 -3.75 11.28 1.45
N HIS A 101 -3.59 12.46 0.84
CA HIS A 101 -3.14 12.54 -0.54
C HIS A 101 -1.62 12.16 -0.60
N VAL A 102 -1.18 11.43 -1.64
CA VAL A 102 0.29 11.03 -1.70
C VAL A 102 1.21 12.26 -1.56
N ASN A 103 0.89 13.37 -2.22
CA ASN A 103 1.81 14.52 -2.19
C ASN A 103 1.86 15.14 -0.78
N THR A 104 0.73 15.14 -0.08
CA THR A 104 0.71 15.52 1.33
C THR A 104 1.62 14.65 2.20
N LEU A 105 1.49 13.34 2.02
CA LEU A 105 2.31 12.41 2.81
C LEU A 105 3.76 12.61 2.50
N ILE A 106 4.12 12.66 1.21
CA ILE A 106 5.54 12.91 0.89
C ILE A 106 6.05 14.23 1.56
N TYR A 107 5.30 15.31 1.44
CA TYR A 107 5.70 16.57 2.11
C TYR A 107 5.92 16.39 3.63
N GLU A 108 4.96 15.73 4.27
CA GLU A 108 5.05 15.54 5.74
C GLU A 108 6.28 14.72 6.11
N SER A 110 8.98 14.50 4.29
CA SER A 110 10.12 15.36 3.99
C SER A 110 10.49 16.24 5.19
N ARG A 111 9.48 16.71 5.94
CA ARG A 111 9.69 17.54 7.13
C ARG A 111 10.41 16.79 8.23
N LYS A 112 10.08 15.49 8.37
CA LYS A 112 10.59 14.72 9.49
C LYS A 112 11.95 14.09 9.19
N PHE A 113 12.27 13.89 7.90
CA PHE A 113 13.49 13.21 7.52
C PHE A 113 14.39 14.04 6.60
N HIS A 114 14.01 15.31 6.46
CA HIS A 114 14.65 16.32 5.65
C HIS A 114 15.02 15.77 4.31
N GLY A 115 14.03 15.20 3.64
CA GLY A 115 14.34 14.59 2.33
C GLY A 115 13.93 15.48 1.16
N GLU A 116 14.42 15.11 -0.01
CA GLU A 116 14.11 15.79 -1.22
C GLU A 116 12.90 15.05 -1.80
N CYS A 117 11.98 15.76 -2.46
CA CYS A 117 10.61 15.25 -2.80
C CYS A 117 10.41 15.35 -4.30
N THR A 118 9.83 14.26 -4.86
CA THR A 118 9.25 14.26 -6.19
C THR A 118 7.74 14.06 -5.96
N PHE A 119 6.91 14.82 -6.68
CA PHE A 119 5.46 14.81 -6.49
C PHE A 119 4.79 14.18 -7.70
N ASN A 121 2.11 14.59 -10.42
CA ASN A 121 1.40 15.64 -11.14
C ASN A 121 0.19 15.06 -11.98
N ALA A 122 0.38 13.85 -12.50
CA ALA A 122 -0.61 13.22 -13.43
C ALA A 122 -1.71 12.53 -12.66
N THR A 123 -2.91 12.56 -13.25
CA THR A 123 -4.08 11.83 -12.77
C THR A 123 -3.84 10.31 -12.85
N ILE A 124 -4.29 9.60 -11.83
CA ILE A 124 -3.94 8.18 -11.69
C ILE A 124 -4.46 7.32 -12.88
N VAL A 125 -5.67 7.57 -13.37
CA VAL A 125 -6.21 6.79 -14.52
C VAL A 125 -6.47 7.73 -15.71
N GLN A 126 -5.82 7.42 -16.84
CA GLN A 126 -5.96 8.23 -18.04
C GLN A 126 -7.09 7.59 -18.85
N GLU A 127 -7.64 8.41 -19.78
CA GLU A 127 -8.70 8.02 -20.73
C GLU A 127 -8.37 6.81 -21.61
N ASN A 128 -7.13 6.71 -22.05
CA ASN A 128 -6.67 5.59 -22.86
C ASN A 128 -5.18 5.35 -22.78
N LYS A 129 -4.74 4.23 -23.34
CA LYS A 129 -3.35 3.82 -23.31
C LYS A 129 -2.43 4.81 -24.00
N LEU A 130 -2.92 5.44 -25.08
CA LEU A 130 -2.08 6.40 -25.80
C LEU A 130 -1.69 7.57 -24.89
N LEU A 131 -2.68 8.11 -24.15
CA LEU A 131 -2.46 9.21 -23.20
C LEU A 131 -1.54 8.74 -22.05
N ALA A 132 -1.80 7.56 -21.52
CA ALA A 132 -0.95 7.02 -20.43
C ALA A 132 0.49 6.86 -20.92
N ASP A 133 0.67 6.24 -22.09
CA ASP A 133 2.01 6.08 -22.63
C ASP A 133 2.74 7.41 -22.94
N GLY A 134 2.00 8.39 -23.41
CA GLY A 134 2.51 9.74 -23.61
C GLY A 134 3.15 10.30 -22.34
N ILE A 135 2.50 10.03 -21.19
CA ILE A 135 3.05 10.45 -19.86
C ILE A 135 4.21 9.52 -19.49
N LEU A 136 3.98 8.21 -19.52
CA LEU A 136 5.00 7.30 -19.00
C LEU A 136 6.31 7.34 -19.77
N GLN A 137 6.21 7.55 -21.09
CA GLN A 137 7.37 7.51 -21.97
C GLN A 137 7.97 8.91 -22.20
N SER A 138 7.45 9.91 -21.50
CA SER A 138 7.86 11.30 -21.75
C SER A 138 9.27 11.60 -21.23
N ARG A 139 9.93 12.64 -21.77
CA ARG A 139 11.21 13.03 -21.20
C ARG A 139 11.05 13.51 -19.77
N TYR A 140 9.92 14.17 -19.50
CA TYR A 140 9.69 14.86 -18.19
C TYR A 140 9.48 13.80 -17.07
N PHE A 141 8.82 12.71 -17.44
CA PHE A 141 8.49 11.68 -16.45
C PHE A 141 9.63 10.65 -16.18
N GLU A 142 10.68 10.67 -17.00
CA GLU A 142 11.69 9.62 -16.96
C GLU A 142 12.34 9.42 -15.60
N ASN A 143 12.69 10.51 -14.92
CA ASN A 143 13.33 10.42 -13.60
C ASN A 143 12.45 9.55 -12.67
N LEU A 144 11.16 9.81 -12.68
CA LEU A 144 10.23 9.16 -11.73
C LEU A 144 10.10 7.68 -12.16
N LYS A 145 9.88 7.47 -13.48
CA LYS A 145 9.83 6.09 -14.02
C LYS A 145 11.00 5.25 -13.64
N ASN A 146 12.21 5.82 -13.76
CA ASN A 146 13.46 5.12 -13.43
C ASN A 146 13.56 4.87 -11.93
N SER A 147 13.16 5.87 -11.16
CA SER A 147 13.19 5.73 -9.73
C SER A 147 12.28 4.61 -9.22
N TRP A 148 11.12 4.39 -9.85
CA TRP A 148 10.31 3.22 -9.50
C TRP A 148 11.01 1.87 -9.64
N LYS A 149 12.08 1.83 -10.45
CA LYS A 149 12.84 0.60 -10.66
C LYS A 149 13.96 0.41 -9.67
N ASP A 150 14.24 1.43 -8.85
CA ASP A 150 15.31 1.25 -7.90
C ASP A 150 15.05 1.87 -6.51
N LEU A 151 13.79 1.77 -6.07
CA LEU A 151 13.47 2.21 -4.71
C LEU A 151 14.02 1.24 -3.68
N ASP A 152 14.38 1.82 -2.53
CA ASP A 152 14.81 1.03 -1.39
C ASP A 152 13.63 0.55 -0.51
N ILE A 153 12.67 1.44 -0.31
CA ILE A 153 11.52 1.13 0.57
C ILE A 153 10.28 1.61 -0.16
N ALA A 154 9.22 0.83 -0.05
CA ALA A 154 7.87 1.34 -0.46
C ALA A 154 7.02 1.26 0.80
N VAL A 155 6.12 2.22 0.96
CA VAL A 155 5.15 2.26 2.09
C VAL A 155 3.79 2.37 1.46
N VAL A 156 2.91 1.40 1.72
CA VAL A 156 1.63 1.33 0.98
C VAL A 156 0.47 0.90 1.92
N GLY A 157 -0.71 1.37 1.62
CA GLY A 157 -1.94 0.79 2.16
C GLY A 157 -2.46 -0.26 1.16
N ILE A 158 -3.53 -0.95 1.54
CA ILE A 158 -4.18 -1.96 0.67
C ILE A 158 -5.65 -1.62 0.68
N GLY A 159 -6.24 -1.45 -0.51
CA GLY A 159 -7.68 -1.15 -0.60
C GLY A 159 -8.50 -2.41 -0.92
N ASP A 160 -9.77 -2.38 -0.52
CA ASP A 160 -10.65 -3.51 -0.81
C ASP A 160 -11.57 -3.11 -1.96
N PHE A 161 -12.42 -4.03 -2.44
CA PHE A 161 -13.27 -3.70 -3.57
C PHE A 161 -14.71 -3.93 -3.15
N SER A 162 -14.93 -3.74 -1.84
CA SER A 162 -16.25 -3.74 -1.25
C SER A 162 -16.93 -2.45 -1.71
N ASN A 163 -18.22 -2.30 -1.38
CA ASN A 163 -18.93 -1.05 -1.68
C ASN A 163 -18.19 0.20 -1.18
N LYS A 164 -17.66 0.17 0.03
CA LYS A 164 -16.96 1.31 0.58
C LYS A 164 -15.62 1.50 -0.10
N GLY A 165 -15.00 0.38 -0.53
CA GLY A 165 -13.74 0.45 -1.28
C GLY A 165 -13.94 1.07 -2.66
N LYS A 166 -14.98 0.64 -3.36
CA LYS A 166 -15.33 1.21 -4.65
C LYS A 166 -15.69 2.71 -4.52
N HIS A 167 -16.21 3.11 -3.35
CA HIS A 167 -16.57 4.52 -3.12
C HIS A 167 -15.54 5.58 -3.52
N GLN A 168 -14.29 5.42 -3.06
CA GLN A 168 -13.21 6.39 -3.31
C GLN A 168 -12.90 6.57 -4.81
N TRP A 169 -13.34 5.60 -5.59
CA TRP A 169 -13.03 5.52 -7.04
C TRP A 169 -14.14 5.99 -7.97
N LEU A 170 -15.25 6.40 -7.38
CA LEU A 170 -16.45 6.74 -8.13
C LEU A 170 -16.32 7.80 -9.23
N ASP A 171 -15.46 8.79 -9.04
CA ASP A 171 -15.30 9.74 -10.17
C ASP A 171 -13.98 9.58 -10.91
N LEU A 173 -12.90 6.01 -11.93
CA LEU A 173 -13.25 4.92 -12.83
C LEU A 173 -14.64 5.09 -13.43
N THR A 174 -14.81 4.62 -14.67
CA THR A 174 -16.10 4.71 -15.34
C THR A 174 -17.04 3.57 -14.88
N GLU A 175 -18.33 3.74 -15.13
CA GLU A 175 -19.30 2.65 -14.92
C GLU A 175 -18.81 1.38 -15.58
N ASP A 176 -18.37 1.47 -16.84
CA ASP A 176 -17.79 0.30 -17.52
C ASP A 176 -16.53 -0.33 -16.90
N ASP A 177 -15.62 0.51 -16.39
CA ASP A 177 -14.47 0.01 -15.61
C ASP A 177 -14.94 -0.88 -14.47
N PHE A 178 -15.90 -0.39 -13.70
CA PHE A 178 -16.42 -1.16 -12.54
C PHE A 178 -17.02 -2.47 -13.00
N LYS A 179 -17.79 -2.43 -14.09
CA LYS A 179 -18.40 -3.67 -14.59
C LYS A 179 -17.35 -4.70 -14.94
N GLU A 180 -16.32 -4.26 -15.66
CA GLU A 180 -15.24 -5.16 -16.07
C GLU A 180 -14.42 -5.65 -14.88
N LEU A 181 -14.10 -4.77 -13.93
CA LEU A 181 -13.43 -5.20 -12.69
C LEU A 181 -14.21 -6.25 -11.91
N THR A 182 -15.52 -6.07 -11.85
CA THR A 182 -16.39 -7.00 -11.12
C THR A 182 -16.44 -8.34 -11.88
N LYS A 183 -16.51 -8.25 -13.22
CA LYS A 183 -16.58 -9.48 -14.03
C LYS A 183 -15.36 -10.38 -13.79
N VAL A 184 -14.18 -9.77 -13.62
CA VAL A 184 -12.96 -10.55 -13.36
C VAL A 184 -12.68 -10.81 -11.88
N LYS A 185 -13.68 -10.52 -11.05
CA LYS A 185 -13.65 -10.89 -9.65
C LYS A 185 -12.54 -10.16 -8.92
N THR A 186 -12.46 -8.86 -9.18
CA THR A 186 -11.48 -8.03 -8.46
C THR A 186 -11.76 -8.09 -6.96
N VAL A 187 -10.70 -8.17 -6.15
CA VAL A 187 -10.87 -8.22 -4.72
C VAL A 187 -10.24 -7.02 -3.99
N GLY A 188 -9.32 -6.33 -4.64
CA GLY A 188 -8.64 -5.25 -3.92
C GLY A 188 -7.69 -4.51 -4.82
N GLU A 189 -7.04 -3.49 -4.21
CA GLU A 189 -5.99 -2.72 -4.93
C GLU A 189 -4.82 -2.37 -4.07
N ILE A 190 -3.68 -2.23 -4.75
CA ILE A 190 -2.45 -1.76 -4.11
C ILE A 190 -1.78 -0.89 -5.13
N CYS A 191 -1.26 0.28 -4.69
CA CYS A 191 -0.68 1.25 -5.62
C CYS A 191 -1.62 1.55 -6.81
N CYS A 192 -2.91 1.53 -6.55
CA CYS A 192 -3.95 1.84 -7.50
C CYS A 192 -4.07 0.83 -8.65
N ARG A 193 -3.56 -0.37 -8.42
CA ARG A 193 -3.72 -1.52 -9.36
C ARG A 193 -4.59 -2.55 -8.74
N PHE A 194 -5.51 -3.06 -9.56
CA PHE A 194 -6.61 -3.91 -9.10
C PHE A 194 -6.28 -5.33 -9.37
N PHE A 195 -6.50 -6.18 -8.37
CA PHE A 195 -6.15 -7.61 -8.53
C PHE A 195 -7.27 -8.53 -8.09
N ASP A 196 -7.16 -9.78 -8.57
CA ASP A 196 -8.07 -10.83 -8.18
C ASP A 196 -7.65 -11.58 -6.91
N SER A 197 -8.31 -12.70 -6.62
CA SER A 197 -8.07 -13.40 -5.33
C SER A 197 -6.69 -14.02 -5.16
N LYS A 198 -5.92 -14.07 -6.26
CA LYS A 198 -4.56 -14.64 -6.28
C LYS A 198 -3.51 -13.53 -6.44
N GLY A 199 -3.97 -12.28 -6.42
CA GLY A 199 -3.10 -11.11 -6.46
C GLY A 199 -2.58 -10.81 -7.84
N LYS A 200 -3.31 -11.29 -8.85
CA LYS A 200 -3.00 -10.95 -10.23
C LYS A 200 -3.81 -9.78 -10.78
N GLU A 201 -3.14 -8.89 -11.52
CA GLU A 201 -3.75 -7.73 -12.15
C GLU A 201 -4.47 -8.10 -13.45
N VAL A 202 -5.77 -8.39 -13.35
CA VAL A 202 -6.40 -9.16 -14.45
C VAL A 202 -6.90 -8.31 -15.61
N TYR A 203 -7.44 -7.11 -15.33
CA TYR A 203 -8.03 -6.26 -16.34
C TYR A 203 -6.98 -5.32 -17.04
N GLU A 204 -6.47 -5.84 -18.15
CA GLU A 204 -5.34 -5.20 -18.86
C GLU A 204 -5.62 -3.79 -19.40
N ASN A 205 -6.83 -3.53 -19.90
CA ASN A 205 -7.20 -2.20 -20.35
C ASN A 205 -6.99 -1.08 -19.31
N LEU A 206 -7.40 -1.33 -18.08
CA LEU A 206 -7.20 -0.31 -17.04
C LEU A 206 -5.72 -0.31 -16.61
N GLN A 207 -5.11 -1.50 -16.50
CA GLN A 207 -3.68 -1.66 -16.14
C GLN A 207 -2.83 -0.70 -16.98
N GLU A 208 -3.11 -0.71 -18.29
CA GLU A 208 -2.30 0.08 -19.28
C GLU A 208 -2.65 1.60 -19.29
N ARG A 209 -3.65 2.01 -18.54
CA ARG A 209 -4.09 3.39 -18.50
C ARG A 209 -3.65 4.06 -17.18
N THR A 210 -2.99 3.27 -16.32
CA THR A 210 -2.75 3.70 -14.91
C THR A 210 -1.31 4.24 -14.75
N ILE A 211 -1.23 5.41 -14.08
CA ILE A 211 0.02 6.10 -13.93
C ILE A 211 0.53 5.73 -12.52
N ALA A 212 1.09 4.54 -12.42
CA ALA A 212 1.58 4.03 -11.11
C ALA A 212 2.71 3.07 -11.33
N ILE A 213 3.49 2.85 -10.28
CA ILE A 213 4.47 1.75 -10.30
C ILE A 213 3.81 0.44 -10.71
N SER A 214 4.50 -0.35 -11.51
CA SER A 214 3.95 -1.70 -11.82
C SER A 214 4.03 -2.64 -10.64
N LEU A 215 3.15 -3.67 -10.60
CA LEU A 215 3.25 -4.69 -9.56
C LEU A 215 4.61 -5.42 -9.63
N GLU A 216 5.10 -5.65 -10.85
CA GLU A 216 6.43 -6.19 -11.08
C GLU A 216 7.54 -5.41 -10.37
N ASP A 217 7.51 -4.09 -10.52
CA ASP A 217 8.49 -3.26 -9.84
C ASP A 217 8.20 -3.23 -8.32
N LEU A 218 6.94 -3.06 -7.95
CA LEU A 218 6.63 -3.06 -6.50
C LEU A 218 7.17 -4.28 -5.78
N LYS A 219 6.95 -5.45 -6.37
CA LYS A 219 7.22 -6.69 -5.68
C LYS A 219 8.71 -7.07 -5.65
N ASN A 220 9.53 -6.23 -6.29
CA ASN A 220 10.98 -6.41 -6.27
C ASN A 220 11.72 -5.35 -5.46
N ILE A 221 10.96 -4.41 -4.86
CA ILE A 221 11.56 -3.44 -3.91
C ILE A 221 12.10 -4.22 -2.71
N PRO A 222 13.34 -3.91 -2.27
CA PRO A 222 13.89 -4.66 -1.14
C PRO A 222 13.08 -4.66 0.14
N GLN A 223 12.51 -3.50 0.52
CA GLN A 223 11.65 -3.49 1.72
C GLN A 223 10.33 -2.83 1.36
N SER A 224 9.26 -3.60 1.34
CA SER A 224 7.95 -3.03 0.98
C SER A 224 7.01 -3.30 2.13
N LEU A 225 6.53 -2.22 2.69
CA LEU A 225 5.76 -2.27 3.95
C LEU A 225 4.34 -1.93 3.63
N ALA A 226 3.42 -2.88 3.88
CA ALA A 226 2.00 -2.55 3.80
C ALA A 226 1.43 -2.50 5.20
N VAL A 227 0.60 -1.48 5.48
CA VAL A 227 -0.13 -1.43 6.74
C VAL A 227 -1.61 -1.50 6.43
N ALA A 228 -2.29 -2.54 6.93
CA ALA A 228 -3.66 -2.77 6.46
C ALA A 228 -4.39 -3.72 7.42
N TYR A 229 -5.62 -3.34 7.78
CA TYR A 229 -6.40 -4.20 8.67
C TYR A 229 -7.88 -3.97 8.48
N GLY A 230 -8.67 -4.87 9.03
CA GLY A 230 -10.13 -4.72 9.08
C GLY A 230 -10.80 -5.87 8.38
N ASP A 231 -12.01 -6.20 8.80
CA ASP A 231 -12.69 -7.34 8.17
C ASP A 231 -12.87 -7.19 6.65
N THR A 232 -13.08 -5.98 6.14
CA THR A 232 -13.38 -5.83 4.66
C THR A 232 -12.08 -5.99 3.84
N LYS A 233 -10.96 -6.01 4.54
CA LYS A 233 -9.67 -6.17 3.87
C LYS A 233 -9.07 -7.56 3.86
N VAL A 234 -9.79 -8.56 4.37
CA VAL A 234 -9.21 -9.92 4.52
C VAL A 234 -8.89 -10.51 3.14
N SER A 235 -9.84 -10.43 2.20
CA SER A 235 -9.59 -11.01 0.86
C SER A 235 -8.42 -10.31 0.15
N SER A 236 -8.36 -8.98 0.30
CA SER A 236 -7.30 -8.18 -0.34
C SER A 236 -5.92 -8.55 0.23
N ILE A 237 -5.84 -8.65 1.54
CA ILE A 237 -4.58 -9.00 2.18
C ILE A 237 -4.15 -10.42 1.78
N LEU A 238 -5.12 -11.33 1.70
CA LEU A 238 -4.75 -12.70 1.32
C LEU A 238 -4.18 -12.70 -0.12
N SER A 239 -4.75 -11.88 -0.99
CA SER A 239 -4.27 -11.77 -2.40
C SER A 239 -2.83 -11.30 -2.44
N VAL A 240 -2.59 -10.23 -1.69
CA VAL A 240 -1.23 -9.63 -1.63
C VAL A 240 -0.23 -10.63 -1.08
N LEU A 241 -0.63 -11.39 -0.04
CA LEU A 241 0.24 -12.44 0.52
C LEU A 241 0.55 -13.54 -0.54
N ARG A 242 -0.54 -14.04 -1.15
CA ARG A 242 -0.46 -15.05 -2.25
C ARG A 242 0.51 -14.72 -3.36
N ALA A 243 0.51 -13.48 -3.83
CA ALA A 243 1.33 -13.01 -4.96
C ALA A 243 2.63 -12.39 -4.49
N ASN A 244 2.83 -12.39 -3.17
CA ASN A 244 4.06 -11.79 -2.58
C ASN A 244 4.30 -10.39 -3.10
N LEU A 245 3.22 -9.61 -3.18
CA LEU A 245 3.30 -8.21 -3.69
C LEU A 245 4.08 -7.27 -2.77
N VAL A 246 4.04 -7.51 -1.47
CA VAL A 246 4.93 -6.83 -0.54
C VAL A 246 5.61 -7.89 0.34
N ASN A 247 6.66 -7.48 1.01
CA ASN A 247 7.46 -8.39 1.86
C ASN A 247 7.40 -8.08 3.33
N HIS A 248 6.63 -7.07 3.73
CA HIS A 248 6.47 -6.71 5.16
C HIS A 248 5.08 -6.22 5.40
N LEU A 249 4.38 -6.90 6.31
CA LEU A 249 3.00 -6.57 6.57
C LEU A 249 2.84 -6.24 8.06
N ILE A 250 2.10 -5.17 8.34
CA ILE A 250 1.61 -4.86 9.67
C ILE A 250 0.07 -4.92 9.64
N THR A 251 -0.49 -5.79 10.49
CA THR A 251 -1.95 -5.93 10.55
C THR A 251 -2.29 -6.33 12.00
N ASP A 252 -3.56 -6.53 12.26
CA ASP A 252 -3.98 -6.95 13.64
C ASP A 252 -4.28 -8.45 13.69
N LYS A 253 -4.38 -9.00 14.91
CA LYS A 253 -4.70 -10.42 15.04
C LYS A 253 -6.04 -10.83 14.44
N ASN A 254 -7.08 -10.05 14.69
CA ASN A 254 -8.41 -10.36 14.16
C ASN A 254 -8.37 -10.54 12.65
N THR A 255 -7.60 -9.69 11.96
CA THR A 255 -7.54 -9.72 10.50
C THR A 255 -6.75 -10.92 10.04
N ILE A 256 -5.59 -11.16 10.65
CA ILE A 256 -4.80 -12.28 10.11
C ILE A 256 -5.49 -13.65 10.37
N LEU A 257 -6.20 -13.77 11.50
CA LEU A 257 -6.95 -15.01 11.73
C LEU A 257 -8.01 -15.23 10.65
N LYS A 258 -8.68 -14.15 10.21
CA LYS A 258 -9.66 -14.26 9.15
C LYS A 258 -9.02 -14.62 7.77
N VAL A 259 -7.85 -14.05 7.51
CA VAL A 259 -7.07 -14.36 6.29
C VAL A 259 -6.80 -15.87 6.28
N LEU A 260 -6.35 -16.40 7.40
CA LEU A 260 -6.03 -17.83 7.52
C LEU A 260 -7.27 -18.70 7.28
N GLU A 261 -8.38 -18.30 7.89
CA GLU A 261 -9.65 -18.96 7.72
C GLU A 261 -10.10 -18.96 6.27
N GLU A 262 -10.09 -17.80 5.63
CA GLU A 262 -10.42 -17.72 4.21
C GLU A 262 -9.49 -18.57 3.32
N ASP A 263 -8.20 -18.54 3.61
CA ASP A 263 -7.25 -19.33 2.82
C ASP A 263 -7.58 -20.82 2.98
N GLY A 264 -8.01 -21.21 4.18
CA GLY A 264 -8.33 -22.61 4.47
C GLY A 264 -9.55 -23.11 3.72
N ASP A 265 -10.32 -22.18 3.14
CA ASP A 265 -11.54 -22.53 2.40
C ASP A 265 -11.16 -22.94 1.00
#